data_5LOG
#
_entry.id   5LOG
#
_cell.length_a   60.840
_cell.length_b   51.017
_cell.length_c   72.677
_cell.angle_alpha   90.000
_cell.angle_beta   98.580
_cell.angle_gamma   90.000
#
_symmetry.space_group_name_H-M   'P 1 21 1'
#
loop_
_entity.id
_entity.type
_entity.pdbx_description
1 polymer 'Putative O-methyltransferase'
2 non-polymer S-ADENOSYL-L-HOMOCYSTEINE
3 non-polymer 'MAGNESIUM ION'
4 non-polymer 'CHLORIDE ION'
5 non-polymer L-DOPAMINE
6 water water
#
_entity_poly.entity_id   1
_entity_poly.type   'polypeptide(L)'
_entity_poly.pdbx_seq_one_letter_code
;MIHHVELTQSVLQYIRDSSVRDNDILRDLREETSKLPLRTMQIPPEQGQLLSLLVRLIGARKTLEVGVFTGYSTLCTALA
LPADGRVIACDLSEEWVSIARRYWQRAGVADRIEVRLGDAHHSLEALVGSEHRGTFDLAFIDADKESYDFYYEHALRLVR
PGGLIILDNTLWSGKVADPSVVGDPETDSLRRINAKLLTDERVDLSMLPIADGLTLARKRKLAAALEHHHHHH
;
_entity_poly.pdbx_strand_id   A,B
#
loop_
_chem_comp.id
_chem_comp.type
_chem_comp.name
_chem_comp.formula
CL non-polymer 'CHLORIDE ION' 'Cl -1'
LDP non-polymer L-DOPAMINE 'C8 H11 N O2'
MG non-polymer 'MAGNESIUM ION' 'Mg 2'
SAH non-polymer S-ADENOSYL-L-HOMOCYSTEINE 'C14 H20 N6 O5 S'
#
# COMPACT_ATOMS: atom_id res chain seq x y z
N MET A 1 -12.89 -18.73 10.52
CA MET A 1 -12.75 -18.31 9.14
C MET A 1 -12.21 -16.89 9.01
N ILE A 2 -11.36 -16.68 7.99
CA ILE A 2 -10.83 -15.36 7.66
C ILE A 2 -11.74 -14.81 6.56
N HIS A 3 -12.48 -13.76 6.91
CA HIS A 3 -13.43 -13.12 6.00
C HIS A 3 -12.68 -12.25 5.00
N HIS A 4 -13.11 -12.29 3.73
CA HIS A 4 -12.48 -11.58 2.63
C HIS A 4 -13.49 -11.32 1.52
N VAL A 5 -13.17 -10.38 0.62
CA VAL A 5 -14.01 -10.09 -0.55
C VAL A 5 -13.63 -11.13 -1.60
N GLU A 6 -14.64 -11.83 -2.14
CA GLU A 6 -14.43 -12.85 -3.16
C GLU A 6 -13.91 -12.17 -4.43
N LEU A 7 -12.72 -12.56 -4.84
CA LEU A 7 -12.07 -11.98 -5.99
C LEU A 7 -12.52 -12.62 -7.31
N THR A 8 -13.82 -12.48 -7.61
CA THR A 8 -14.43 -12.95 -8.85
C THR A 8 -13.91 -12.04 -9.98
N GLN A 9 -14.03 -12.47 -11.24
CA GLN A 9 -13.61 -11.67 -12.40
C GLN A 9 -14.36 -10.36 -12.42
N SER A 10 -15.65 -10.38 -11.98
CA SER A 10 -16.52 -9.20 -11.86
C SER A 10 -15.90 -8.15 -10.91
N VAL A 11 -15.46 -8.58 -9.70
CA VAL A 11 -14.83 -7.71 -8.71
C VAL A 11 -13.46 -7.20 -9.18
N LEU A 12 -12.64 -8.09 -9.81
CA LEU A 12 -11.32 -7.68 -10.30
C LEU A 12 -11.46 -6.70 -11.46
N GLN A 13 -12.43 -6.94 -12.35
CA GLN A 13 -12.71 -6.05 -13.46
C GLN A 13 -13.18 -4.68 -12.94
N TYR A 14 -13.98 -4.66 -11.83
CA TYR A 14 -14.46 -3.45 -11.17
C TYR A 14 -13.29 -2.62 -10.63
N ILE A 15 -12.36 -3.28 -9.87
CA ILE A 15 -11.16 -2.62 -9.33
C ILE A 15 -10.41 -1.96 -10.50
N ARG A 16 -10.18 -2.71 -11.58
CA ARG A 16 -9.50 -2.20 -12.78
C ARG A 16 -10.23 -1.00 -13.38
N ASP A 17 -11.52 -1.14 -13.67
CA ASP A 17 -12.32 -0.10 -14.30
C ASP A 17 -12.47 1.17 -13.49
N SER A 18 -12.60 1.06 -12.16
CA SER A 18 -12.86 2.20 -11.31
C SER A 18 -11.59 2.82 -10.66
N SER A 19 -10.38 2.29 -10.94
CA SER A 19 -9.14 2.84 -10.37
C SER A 19 -7.98 3.02 -11.34
N VAL A 20 -7.91 2.21 -12.41
CA VAL A 20 -6.76 2.30 -13.33
C VAL A 20 -6.89 3.49 -14.30
N ARG A 21 -5.95 4.44 -14.17
CA ARG A 21 -5.81 5.60 -15.05
C ARG A 21 -4.77 5.17 -16.08
N ASP A 22 -5.24 4.81 -17.25
CA ASP A 22 -4.37 4.30 -18.30
C ASP A 22 -4.06 5.32 -19.38
N ASN A 23 -3.00 5.06 -20.14
CA ASN A 23 -2.60 5.86 -21.30
C ASN A 23 -2.12 4.92 -22.38
N ASP A 24 -2.05 5.40 -23.63
CA ASP A 24 -1.62 4.61 -24.79
C ASP A 24 -0.22 4.01 -24.61
N ILE A 25 0.73 4.77 -24.01
CA ILE A 25 2.11 4.31 -23.77
C ILE A 25 2.11 3.07 -22.88
N LEU A 26 1.46 3.14 -21.70
CA LEU A 26 1.38 2.02 -20.76
C LEU A 26 0.66 0.81 -21.35
N ARG A 27 -0.48 1.06 -22.04
CA ARG A 27 -1.33 0.07 -22.69
C ARG A 27 -0.53 -0.67 -23.75
N ASP A 28 0.17 0.09 -24.64
CA ASP A 28 0.99 -0.48 -25.73
C ASP A 28 2.12 -1.37 -25.22
N LEU A 29 2.77 -0.98 -24.11
CA LEU A 29 3.84 -1.74 -23.47
C LEU A 29 3.32 -3.06 -22.93
N ARG A 30 2.14 -3.06 -22.27
CA ARG A 30 1.49 -4.27 -21.74
C ARG A 30 1.13 -5.23 -22.89
N GLU A 31 0.62 -4.66 -24.01
CA GLU A 31 0.25 -5.39 -25.22
C GLU A 31 1.48 -6.03 -25.88
N GLU A 32 2.62 -5.29 -25.95
CA GLU A 32 3.88 -5.79 -26.51
C GLU A 32 4.52 -6.88 -25.61
N THR A 33 4.41 -6.74 -24.29
CA THR A 33 4.92 -7.72 -23.34
C THR A 33 4.10 -9.03 -23.38
N SER A 34 2.76 -8.92 -23.54
CA SER A 34 1.84 -10.08 -23.61
C SER A 34 2.13 -11.02 -24.80
N LYS A 35 2.79 -10.47 -25.86
CA LYS A 35 3.18 -11.20 -27.07
C LYS A 35 4.65 -11.71 -26.99
N LEU A 36 5.14 -11.96 -25.75
CA LEU A 36 6.48 -12.52 -25.49
C LEU A 36 6.43 -13.80 -24.65
N PRO A 37 7.39 -14.77 -24.85
CA PRO A 37 7.33 -16.04 -24.10
C PRO A 37 7.23 -15.95 -22.58
N LEU A 38 7.75 -14.88 -21.94
CA LEU A 38 7.66 -14.72 -20.49
C LEU A 38 6.82 -13.50 -20.05
N ARG A 39 5.68 -13.30 -20.74
CA ARG A 39 4.69 -12.23 -20.53
C ARG A 39 4.19 -12.10 -19.08
N THR A 40 4.00 -13.26 -18.39
CA THR A 40 3.46 -13.34 -17.02
C THR A 40 4.37 -12.70 -15.95
N MET A 41 5.60 -12.27 -16.31
CA MET A 41 6.53 -11.59 -15.42
C MET A 41 6.19 -10.09 -15.30
N GLN A 42 5.29 -9.58 -16.16
CA GLN A 42 4.92 -8.16 -16.08
C GLN A 42 4.00 -7.86 -14.88
N ILE A 43 4.24 -6.72 -14.23
CA ILE A 43 3.38 -6.29 -13.15
C ILE A 43 1.99 -5.84 -13.76
N PRO A 44 0.85 -6.17 -13.11
CA PRO A 44 -0.44 -5.71 -13.66
C PRO A 44 -0.57 -4.16 -13.58
N PRO A 45 -1.48 -3.48 -14.34
CA PRO A 45 -1.56 -2.01 -14.25
C PRO A 45 -1.84 -1.46 -12.84
N GLU A 46 -2.66 -2.17 -12.01
CA GLU A 46 -2.93 -1.69 -10.65
C GLU A 46 -1.65 -1.66 -9.79
N GLN A 47 -0.71 -2.59 -10.04
CA GLN A 47 0.54 -2.58 -9.32
C GLN A 47 1.42 -1.39 -9.77
N GLY A 48 1.49 -1.16 -11.09
CA GLY A 48 2.26 -0.05 -11.65
C GLY A 48 1.81 1.29 -11.10
N GLN A 49 0.48 1.47 -11.01
CA GLN A 49 -0.13 2.68 -10.45
C GLN A 49 0.20 2.83 -8.98
N LEU A 50 0.15 1.72 -8.20
CA LEU A 50 0.50 1.76 -6.76
C LEU A 50 1.98 2.20 -6.61
N LEU A 51 2.86 1.65 -7.45
CA LEU A 51 4.30 1.97 -7.50
C LEU A 51 4.47 3.46 -7.73
N SER A 52 3.73 4.05 -8.71
CA SER A 52 3.78 5.50 -8.93
C SER A 52 3.35 6.25 -7.66
N LEU A 53 2.25 5.81 -7.01
CA LEU A 53 1.73 6.46 -5.81
C LEU A 53 2.75 6.50 -4.68
N LEU A 54 3.32 5.33 -4.33
CA LEU A 54 4.30 5.17 -3.25
C LEU A 54 5.54 6.04 -3.46
N VAL A 55 6.01 6.14 -4.73
CA VAL A 55 7.18 6.96 -5.13
C VAL A 55 6.89 8.44 -4.81
N ARG A 56 5.72 8.92 -5.24
CA ARG A 56 5.27 10.30 -5.00
C ARG A 56 5.00 10.51 -3.52
N LEU A 57 4.41 9.50 -2.84
CA LEU A 57 4.09 9.57 -1.41
C LEU A 57 5.28 9.89 -0.49
N ILE A 58 6.42 9.23 -0.74
CA ILE A 58 7.61 9.42 0.09
C ILE A 58 8.55 10.52 -0.42
N GLY A 59 8.16 11.22 -1.48
CA GLY A 59 8.98 12.27 -2.09
C GLY A 59 10.31 11.74 -2.58
N ALA A 60 10.28 10.57 -3.22
CA ALA A 60 11.48 9.91 -3.74
C ALA A 60 12.07 10.67 -4.94
N ARG A 61 13.41 10.71 -5.00
CA ARG A 61 14.22 11.32 -6.06
C ARG A 61 15.13 10.28 -6.69
N LYS A 62 15.50 9.28 -5.91
CA LYS A 62 16.46 8.27 -6.33
C LYS A 62 15.99 6.87 -5.96
N THR A 63 15.84 6.02 -6.97
CA THR A 63 15.33 4.66 -6.74
C THR A 63 16.20 3.59 -7.36
N LEU A 64 16.06 2.38 -6.81
CA LEU A 64 16.77 1.18 -7.25
C LEU A 64 15.75 0.16 -7.76
N GLU A 65 16.08 -0.50 -8.86
CA GLU A 65 15.24 -1.56 -9.40
C GLU A 65 16.08 -2.79 -9.74
N VAL A 66 15.62 -3.97 -9.32
CA VAL A 66 16.32 -5.22 -9.61
C VAL A 66 15.31 -6.10 -10.33
N GLY A 67 15.46 -6.24 -11.65
CA GLY A 67 14.51 -6.98 -12.48
C GLY A 67 13.67 -5.97 -13.25
N VAL A 68 14.10 -5.66 -14.48
CA VAL A 68 13.50 -4.64 -15.36
C VAL A 68 12.51 -5.20 -16.39
N PHE A 69 12.89 -6.32 -17.07
CA PHE A 69 12.12 -6.98 -18.15
C PHE A 69 11.87 -5.94 -19.26
N THR A 70 10.61 -5.74 -19.68
CA THR A 70 10.26 -4.75 -20.70
C THR A 70 10.06 -3.35 -20.09
N GLY A 71 10.31 -3.20 -18.78
CA GLY A 71 10.32 -1.92 -18.07
C GLY A 71 9.06 -1.22 -17.62
N TYR A 72 7.93 -1.94 -17.54
CA TYR A 72 6.67 -1.37 -17.09
C TYR A 72 6.80 -0.78 -15.69
N SER A 73 7.38 -1.55 -14.74
CA SER A 73 7.56 -1.07 -13.36
C SER A 73 8.48 0.17 -13.31
N THR A 74 9.56 0.15 -14.14
CA THR A 74 10.56 1.21 -14.27
C THR A 74 9.94 2.50 -14.80
N LEU A 75 9.09 2.38 -15.82
CA LEU A 75 8.36 3.48 -16.46
C LEU A 75 7.42 4.15 -15.46
N CYS A 76 6.62 3.37 -14.70
CA CYS A 76 5.69 3.89 -13.69
C CYS A 76 6.46 4.62 -12.59
N THR A 77 7.66 4.08 -12.21
CA THR A 77 8.53 4.66 -11.19
C THR A 77 9.08 6.02 -11.65
N ALA A 78 9.78 6.01 -12.81
CA ALA A 78 10.39 7.19 -13.42
C ALA A 78 9.40 8.31 -13.65
N LEU A 79 8.17 7.99 -14.14
CA LEU A 79 7.09 8.97 -14.37
C LEU A 79 6.69 9.72 -13.10
N ALA A 80 6.71 9.01 -11.94
CA ALA A 80 6.37 9.53 -10.62
C ALA A 80 7.49 10.38 -9.98
N LEU A 81 8.73 10.30 -10.52
CA LEU A 81 9.91 11.01 -10.02
C LEU A 81 9.97 12.45 -10.51
N PRO A 82 10.63 13.37 -9.77
CA PRO A 82 10.81 14.75 -10.29
C PRO A 82 11.75 14.78 -11.50
N ALA A 83 11.84 15.93 -12.20
CA ALA A 83 12.67 16.12 -13.40
C ALA A 83 14.16 15.75 -13.23
N ASP A 84 14.70 15.93 -12.02
CA ASP A 84 16.11 15.60 -11.72
C ASP A 84 16.25 14.22 -11.04
N GLY A 85 15.16 13.46 -11.01
CA GLY A 85 15.11 12.12 -10.43
C GLY A 85 15.91 11.09 -11.19
N ARG A 86 16.26 9.97 -10.52
CA ARG A 86 17.01 8.89 -11.15
C ARG A 86 16.57 7.49 -10.67
N VAL A 87 16.45 6.55 -11.62
CA VAL A 87 16.20 5.13 -11.36
C VAL A 87 17.49 4.43 -11.77
N ILE A 88 18.09 3.65 -10.86
CA ILE A 88 19.25 2.83 -11.21
C ILE A 88 18.65 1.43 -11.35
N ALA A 89 18.49 0.98 -12.60
CA ALA A 89 17.79 -0.24 -12.96
C ALA A 89 18.76 -1.38 -13.34
N CYS A 90 18.64 -2.55 -12.67
CA CYS A 90 19.52 -3.72 -12.93
C CYS A 90 18.85 -4.83 -13.66
N ASP A 91 19.46 -5.30 -14.77
CA ASP A 91 18.93 -6.41 -15.56
C ASP A 91 19.97 -7.15 -16.38
N LEU A 92 19.75 -8.44 -16.52
CA LEU A 92 20.56 -9.40 -17.24
C LEU A 92 20.32 -9.32 -18.76
N SER A 93 19.04 -9.15 -19.19
CA SER A 93 18.70 -9.13 -20.62
C SER A 93 18.79 -7.77 -21.29
N GLU A 94 19.58 -7.70 -22.37
CA GLU A 94 19.76 -6.49 -23.18
C GLU A 94 18.57 -6.34 -24.13
N GLU A 95 18.03 -7.49 -24.60
CA GLU A 95 16.90 -7.61 -25.51
C GLU A 95 15.64 -7.00 -24.90
N TRP A 96 15.30 -7.42 -23.66
CA TRP A 96 14.14 -6.92 -22.91
C TRP A 96 14.28 -5.44 -22.55
N VAL A 97 15.50 -5.01 -22.20
CA VAL A 97 15.81 -3.61 -21.87
C VAL A 97 15.87 -2.73 -23.16
N SER A 98 16.11 -3.34 -24.36
CA SER A 98 16.11 -2.58 -25.63
C SER A 98 14.66 -2.21 -26.02
N ILE A 99 13.68 -3.03 -25.56
CA ILE A 99 12.24 -2.80 -25.73
C ILE A 99 11.84 -1.69 -24.76
N ALA A 100 12.23 -1.84 -23.47
CA ALA A 100 11.97 -0.94 -22.34
C ALA A 100 12.34 0.52 -22.64
N ARG A 101 13.54 0.71 -23.23
CA ARG A 101 14.11 2.00 -23.63
C ARG A 101 13.23 2.72 -24.67
N ARG A 102 12.51 1.98 -25.55
CA ARG A 102 11.63 2.58 -26.55
C ARG A 102 10.48 3.33 -25.87
N TYR A 103 9.85 2.69 -24.86
CA TYR A 103 8.73 3.24 -24.11
C TYR A 103 9.18 4.33 -23.16
N TRP A 104 10.38 4.18 -22.58
CA TRP A 104 10.96 5.20 -21.69
C TRP A 104 11.24 6.49 -22.49
N GLN A 105 11.73 6.35 -23.74
CA GLN A 105 12.00 7.47 -24.63
C GLN A 105 10.67 8.15 -24.99
N ARG A 106 9.69 7.35 -25.42
CA ARG A 106 8.33 7.78 -25.80
C ARG A 106 7.63 8.54 -24.68
N ALA A 107 7.78 8.08 -23.43
CA ALA A 107 7.18 8.72 -22.26
C ALA A 107 8.06 9.85 -21.67
N GLY A 108 9.12 10.21 -22.40
CA GLY A 108 10.08 11.26 -22.06
C GLY A 108 10.83 11.07 -20.76
N VAL A 109 11.09 9.82 -20.33
CA VAL A 109 11.74 9.54 -19.04
C VAL A 109 13.07 8.76 -19.18
N ALA A 110 13.52 8.46 -20.42
CA ALA A 110 14.79 7.75 -20.67
C ALA A 110 16.00 8.42 -19.98
N ASP A 111 16.00 9.77 -19.91
CA ASP A 111 17.00 10.59 -19.21
C ASP A 111 17.02 10.33 -17.68
N ARG A 112 15.91 9.82 -17.11
CA ARG A 112 15.77 9.54 -15.68
C ARG A 112 16.13 8.11 -15.33
N ILE A 113 16.41 7.26 -16.33
CA ILE A 113 16.68 5.83 -16.09
C ILE A 113 18.11 5.45 -16.51
N GLU A 114 18.86 4.90 -15.54
CA GLU A 114 20.23 4.42 -15.72
C GLU A 114 20.21 2.88 -15.60
N VAL A 115 20.67 2.18 -16.65
CA VAL A 115 20.66 0.73 -16.65
C VAL A 115 22.03 0.15 -16.32
N ARG A 116 22.08 -0.73 -15.30
CA ARG A 116 23.29 -1.49 -14.96
C ARG A 116 22.97 -2.85 -15.60
N LEU A 117 23.54 -3.09 -16.80
CA LEU A 117 23.28 -4.28 -17.56
C LEU A 117 24.22 -5.42 -17.19
N GLY A 118 23.65 -6.55 -16.78
CA GLY A 118 24.38 -7.73 -16.33
C GLY A 118 23.77 -8.30 -15.06
N ASP A 119 24.53 -9.17 -14.37
CA ASP A 119 24.12 -9.84 -13.13
C ASP A 119 23.94 -8.83 -12.01
N ALA A 120 22.73 -8.81 -11.41
CA ALA A 120 22.36 -7.88 -10.33
C ALA A 120 23.23 -8.04 -9.09
N HIS A 121 23.73 -9.28 -8.80
CA HIS A 121 24.59 -9.55 -7.65
C HIS A 121 25.81 -8.63 -7.62
N HIS A 122 26.48 -8.52 -8.78
CA HIS A 122 27.68 -7.72 -8.98
C HIS A 122 27.36 -6.24 -9.04
N SER A 123 26.23 -5.88 -9.71
CA SER A 123 25.75 -4.49 -9.76
C SER A 123 25.47 -3.96 -8.35
N LEU A 124 24.79 -4.75 -7.48
CA LEU A 124 24.46 -4.34 -6.11
C LEU A 124 25.67 -4.33 -5.17
N GLU A 125 26.65 -5.21 -5.41
CA GLU A 125 27.87 -5.23 -4.61
C GLU A 125 28.64 -3.96 -4.93
N ALA A 126 28.72 -3.60 -6.23
CA ALA A 126 29.39 -2.39 -6.68
C ALA A 126 28.71 -1.17 -6.08
N LEU A 127 27.37 -1.13 -6.11
CA LEU A 127 26.62 -0.01 -5.54
C LEU A 127 26.85 0.13 -4.02
N VAL A 128 26.86 -0.98 -3.23
CA VAL A 128 27.09 -0.94 -1.77
C VAL A 128 28.51 -0.39 -1.42
N GLY A 129 29.50 -0.75 -2.23
CA GLY A 129 30.86 -0.28 -2.06
C GLY A 129 31.11 1.12 -2.60
N SER A 130 30.08 1.76 -3.19
CA SER A 130 30.22 3.08 -3.82
C SER A 130 29.56 4.22 -3.01
N GLU A 131 29.54 5.42 -3.65
CA GLU A 131 28.97 6.68 -3.20
C GLU A 131 27.44 6.60 -3.08
N HIS A 132 26.82 5.67 -3.84
CA HIS A 132 25.38 5.39 -3.86
C HIS A 132 24.85 4.74 -2.57
N ARG A 133 25.75 4.15 -1.74
CA ARG A 133 25.40 3.51 -0.48
C ARG A 133 24.56 4.43 0.43
N GLY A 134 23.38 3.94 0.82
CA GLY A 134 22.45 4.66 1.68
C GLY A 134 21.85 5.93 1.10
N THR A 135 21.77 6.02 -0.25
CA THR A 135 21.23 7.22 -0.93
C THR A 135 19.91 7.01 -1.66
N PHE A 136 19.43 5.75 -1.74
CA PHE A 136 18.18 5.45 -2.43
C PHE A 136 16.98 5.62 -1.53
N ASP A 137 15.89 6.18 -2.06
CA ASP A 137 14.66 6.37 -1.31
C ASP A 137 13.76 5.18 -1.39
N LEU A 138 13.84 4.45 -2.51
CA LEU A 138 13.00 3.29 -2.77
C LEU A 138 13.78 2.21 -3.54
N ALA A 139 13.52 0.95 -3.21
CA ALA A 139 14.11 -0.22 -3.89
C ALA A 139 12.96 -1.17 -4.31
N PHE A 140 12.92 -1.56 -5.60
CA PHE A 140 11.95 -2.54 -6.07
C PHE A 140 12.68 -3.82 -6.50
N ILE A 141 12.48 -4.91 -5.75
CA ILE A 141 13.09 -6.23 -5.96
C ILE A 141 12.09 -7.11 -6.70
N ASP A 142 12.45 -7.51 -7.91
CA ASP A 142 11.55 -8.27 -8.76
C ASP A 142 12.34 -9.11 -9.77
N ALA A 143 13.49 -9.66 -9.35
CA ALA A 143 14.35 -10.46 -10.23
C ALA A 143 14.18 -11.96 -9.93
N ASP A 144 15.24 -12.81 -10.04
CA ASP A 144 15.14 -14.24 -9.76
C ASP A 144 14.85 -14.45 -8.30
N LYS A 145 13.93 -15.34 -7.98
CA LYS A 145 13.42 -15.50 -6.62
C LYS A 145 14.42 -16.16 -5.66
N GLU A 146 15.32 -16.99 -6.18
CA GLU A 146 16.36 -17.64 -5.36
C GLU A 146 17.32 -16.63 -4.71
N SER A 147 17.50 -15.44 -5.32
CA SER A 147 18.43 -14.41 -4.81
C SER A 147 17.77 -13.29 -3.99
N TYR A 148 16.51 -13.48 -3.54
CA TYR A 148 15.80 -12.45 -2.80
C TYR A 148 16.50 -12.01 -1.52
N ASP A 149 17.09 -12.95 -0.73
CA ASP A 149 17.79 -12.57 0.50
C ASP A 149 19.00 -11.65 0.21
N PHE A 150 19.82 -12.02 -0.80
CA PHE A 150 20.96 -11.23 -1.27
C PHE A 150 20.47 -9.84 -1.71
N TYR A 151 19.40 -9.79 -2.49
CA TYR A 151 18.85 -8.52 -2.97
C TYR A 151 18.33 -7.65 -1.83
N TYR A 152 17.67 -8.28 -0.85
CA TYR A 152 17.10 -7.63 0.33
C TYR A 152 18.19 -7.04 1.21
N GLU A 153 19.25 -7.85 1.54
CA GLU A 153 20.34 -7.36 2.38
C GLU A 153 21.09 -6.21 1.72
N HIS A 154 21.28 -6.28 0.39
CA HIS A 154 21.96 -5.21 -0.34
C HIS A 154 21.10 -3.94 -0.37
N ALA A 155 19.77 -4.10 -0.62
CA ALA A 155 18.79 -3.00 -0.63
C ALA A 155 18.72 -2.29 0.73
N LEU A 156 18.86 -3.04 1.86
CA LEU A 156 18.87 -2.44 3.20
C LEU A 156 20.04 -1.48 3.42
N ARG A 157 21.18 -1.71 2.75
CA ARG A 157 22.32 -0.80 2.87
C ARG A 157 22.23 0.30 1.84
N LEU A 158 21.58 0.03 0.71
CA LEU A 158 21.46 0.99 -0.38
C LEU A 158 20.41 2.04 -0.12
N VAL A 159 19.33 1.66 0.57
CA VAL A 159 18.27 2.63 0.87
C VAL A 159 18.64 3.44 2.13
N ARG A 160 18.20 4.70 2.15
CA ARG A 160 18.38 5.60 3.27
C ARG A 160 17.46 5.14 4.44
N PRO A 161 17.76 5.52 5.71
CA PRO A 161 16.81 5.25 6.80
C PRO A 161 15.45 5.90 6.44
N GLY A 162 14.38 5.13 6.56
CA GLY A 162 13.04 5.58 6.18
C GLY A 162 12.69 5.24 4.75
N GLY A 163 13.67 4.71 4.03
CA GLY A 163 13.49 4.27 2.65
C GLY A 163 12.60 3.05 2.53
N LEU A 164 11.97 2.88 1.36
CA LEU A 164 11.05 1.77 1.19
C LEU A 164 11.58 0.66 0.28
N ILE A 165 11.55 -0.59 0.77
CA ILE A 165 11.91 -1.76 -0.02
C ILE A 165 10.62 -2.51 -0.39
N ILE A 166 10.45 -2.76 -1.68
CA ILE A 166 9.28 -3.44 -2.23
C ILE A 166 9.73 -4.77 -2.86
N LEU A 167 9.18 -5.89 -2.37
CA LEU A 167 9.48 -7.24 -2.87
C LEU A 167 8.26 -7.82 -3.58
N ASP A 168 8.41 -8.07 -4.89
CA ASP A 168 7.36 -8.63 -5.73
C ASP A 168 7.26 -10.15 -5.60
N ASN A 169 6.10 -10.74 -5.98
CA ASN A 169 5.81 -12.18 -6.06
C ASN A 169 5.97 -12.94 -4.73
N THR A 170 5.76 -12.29 -3.58
CA THR A 170 5.98 -12.96 -2.29
C THR A 170 4.91 -14.05 -1.96
N LEU A 171 3.86 -14.16 -2.77
CA LEU A 171 2.87 -15.22 -2.60
C LEU A 171 3.07 -16.36 -3.60
N TRP A 172 3.85 -16.12 -4.69
CA TRP A 172 4.23 -17.06 -5.73
C TRP A 172 3.09 -17.99 -6.17
N SER A 173 1.95 -17.41 -6.60
CA SER A 173 0.73 -18.09 -7.06
C SER A 173 0.08 -18.95 -5.95
N GLY A 174 0.40 -18.62 -4.69
CA GLY A 174 -0.07 -19.37 -3.53
C GLY A 174 0.81 -20.55 -3.17
N LYS A 175 1.86 -20.84 -3.97
CA LYS A 175 2.77 -22.00 -3.74
C LYS A 175 3.48 -21.99 -2.39
N VAL A 176 3.84 -20.78 -1.89
CA VAL A 176 4.47 -20.57 -0.57
C VAL A 176 3.58 -21.19 0.58
N ALA A 177 2.24 -21.17 0.39
CA ALA A 177 1.22 -21.65 1.32
C ALA A 177 0.81 -23.10 1.04
N ASP A 178 1.18 -23.61 -0.14
CA ASP A 178 0.85 -24.95 -0.57
C ASP A 178 1.79 -26.02 0.03
N PRO A 179 1.30 -26.86 0.97
CA PRO A 179 2.19 -27.87 1.59
C PRO A 179 2.69 -28.97 0.64
N SER A 180 2.00 -29.17 -0.50
CA SER A 180 2.36 -30.18 -1.50
C SER A 180 3.58 -29.72 -2.33
N VAL A 181 3.85 -28.39 -2.39
CA VAL A 181 4.99 -27.82 -3.12
C VAL A 181 6.22 -27.95 -2.21
N VAL A 182 6.98 -29.05 -2.40
CA VAL A 182 8.14 -29.41 -1.59
C VAL A 182 9.43 -29.43 -2.45
N GLY A 183 10.50 -28.88 -1.90
CA GLY A 183 11.81 -28.86 -2.54
C GLY A 183 11.97 -27.95 -3.74
N ASP A 184 11.00 -27.07 -4.01
CA ASP A 184 11.12 -26.16 -5.14
C ASP A 184 12.02 -24.96 -4.74
N PRO A 185 13.14 -24.71 -5.46
CA PRO A 185 14.04 -23.61 -5.04
C PRO A 185 13.41 -22.21 -4.93
N GLU A 186 12.62 -21.79 -5.94
CA GLU A 186 11.97 -20.47 -5.91
C GLU A 186 10.97 -20.36 -4.74
N THR A 187 10.13 -21.38 -4.54
CA THR A 187 9.13 -21.42 -3.45
C THR A 187 9.81 -21.39 -2.08
N ASP A 188 10.84 -22.25 -1.88
CA ASP A 188 11.60 -22.30 -0.63
C ASP A 188 12.30 -20.99 -0.27
N SER A 189 12.90 -20.32 -1.26
CA SER A 189 13.59 -19.04 -1.07
C SER A 189 12.57 -17.96 -0.65
N LEU A 190 11.40 -17.93 -1.31
CA LEU A 190 10.34 -16.97 -0.98
C LEU A 190 9.74 -17.26 0.40
N ARG A 191 9.62 -18.55 0.77
CA ARG A 191 9.16 -18.96 2.10
C ARG A 191 10.15 -18.46 3.18
N ARG A 192 11.46 -18.62 2.91
CA ARG A 192 12.54 -18.21 3.81
C ARG A 192 12.59 -16.70 4.01
N ILE A 193 12.50 -15.91 2.91
CA ILE A 193 12.54 -14.46 3.03
C ILE A 193 11.28 -13.92 3.75
N ASN A 194 10.10 -14.57 3.51
CA ASN A 194 8.84 -14.18 4.13
C ASN A 194 8.90 -14.39 5.63
N ALA A 195 9.41 -15.55 6.05
CA ALA A 195 9.57 -15.90 7.46
C ALA A 195 10.61 -14.95 8.13
N LYS A 196 11.70 -14.65 7.41
CA LYS A 196 12.75 -13.77 7.90
C LYS A 196 12.21 -12.33 8.12
N LEU A 197 11.44 -11.80 7.16
CA LEU A 197 10.87 -10.46 7.26
C LEU A 197 9.96 -10.29 8.48
N LEU A 198 9.14 -11.32 8.82
CA LEU A 198 8.23 -11.27 9.96
C LEU A 198 8.93 -10.86 11.28
N THR A 199 10.11 -11.42 11.53
CA THR A 199 10.85 -11.16 12.76
C THR A 199 12.02 -10.18 12.58
N ASP A 200 12.10 -9.53 11.40
CA ASP A 200 13.18 -8.56 11.12
C ASP A 200 12.84 -7.18 11.68
N GLU A 201 13.41 -6.90 12.87
CA GLU A 201 13.18 -5.64 13.60
C GLU A 201 13.82 -4.40 12.93
N ARG A 202 14.59 -4.58 11.85
CA ARG A 202 15.21 -3.48 11.13
C ARG A 202 14.19 -2.76 10.22
N VAL A 203 13.05 -3.39 9.97
CA VAL A 203 12.00 -2.86 9.08
C VAL A 203 10.62 -2.88 9.69
N ASP A 204 9.69 -2.04 9.14
CA ASP A 204 8.25 -2.05 9.41
C ASP A 204 7.76 -2.93 8.24
N LEU A 205 6.75 -3.77 8.48
CA LEU A 205 6.34 -4.72 7.46
C LEU A 205 4.86 -4.71 7.10
N SER A 206 4.57 -4.94 5.83
CA SER A 206 3.21 -5.16 5.35
C SER A 206 3.28 -6.05 4.13
N MET A 207 2.54 -7.17 4.15
CA MET A 207 2.45 -8.10 3.03
C MET A 207 1.06 -7.87 2.45
N LEU A 208 1.01 -7.40 1.21
CA LEU A 208 -0.25 -7.06 0.55
C LEU A 208 -0.75 -8.16 -0.37
N PRO A 209 -2.07 -8.48 -0.32
CA PRO A 209 -2.59 -9.50 -1.25
C PRO A 209 -2.94 -8.85 -2.60
N ILE A 210 -1.97 -8.18 -3.22
CA ILE A 210 -2.15 -7.54 -4.52
C ILE A 210 -1.24 -8.27 -5.49
N ALA A 211 -1.72 -8.45 -6.72
CA ALA A 211 -1.03 -9.13 -7.82
C ALA A 211 -0.53 -10.51 -7.33
N ASP A 212 0.79 -10.75 -7.35
CA ASP A 212 1.34 -12.03 -6.90
C ASP A 212 1.90 -11.98 -5.44
N GLY A 213 1.39 -11.04 -4.67
CA GLY A 213 1.85 -10.79 -3.32
C GLY A 213 2.90 -9.70 -3.38
N LEU A 214 2.69 -8.63 -2.63
CA LEU A 214 3.62 -7.51 -2.67
C LEU A 214 4.01 -7.13 -1.26
N THR A 215 5.30 -7.32 -0.91
CA THR A 215 5.76 -7.02 0.44
C THR A 215 6.44 -5.66 0.52
N LEU A 216 5.97 -4.84 1.48
CA LEU A 216 6.51 -3.52 1.79
C LEU A 216 7.33 -3.63 3.06
N ALA A 217 8.60 -3.21 2.98
CA ALA A 217 9.51 -3.21 4.11
C ALA A 217 10.15 -1.83 4.21
N ARG A 218 9.72 -1.06 5.21
CA ARG A 218 10.25 0.29 5.45
C ARG A 218 11.44 0.18 6.37
N LYS A 219 12.63 0.61 5.92
CA LYS A 219 13.84 0.62 6.73
C LYS A 219 13.64 1.62 7.88
N ARG A 220 13.70 1.12 9.13
CA ARG A 220 13.51 1.99 10.29
C ARG A 220 14.66 2.97 10.51
N LYS A 221 14.35 4.11 11.15
CA LYS A 221 15.28 5.20 11.49
C LYS A 221 15.83 5.03 12.93
N LEU A 222 17.15 4.79 13.04
CA LEU A 222 17.90 4.63 14.30
C LEU A 222 19.37 4.50 13.99
N ILE B 2 -8.39 -11.85 -15.84
CA ILE B 2 -7.55 -11.22 -14.83
C ILE B 2 -6.99 -12.31 -13.91
N HIS B 3 -5.68 -12.54 -14.03
CA HIS B 3 -4.95 -13.53 -13.25
C HIS B 3 -4.72 -12.99 -11.84
N HIS B 4 -4.89 -13.87 -10.84
CA HIS B 4 -4.80 -13.52 -9.42
C HIS B 4 -4.47 -14.75 -8.58
N VAL B 5 -4.05 -14.53 -7.33
CA VAL B 5 -3.78 -15.62 -6.38
C VAL B 5 -5.15 -16.05 -5.79
N GLU B 6 -5.44 -17.37 -5.74
CA GLU B 6 -6.67 -17.92 -5.17
C GLU B 6 -6.60 -17.71 -3.65
N LEU B 7 -7.51 -16.89 -3.11
CA LEU B 7 -7.53 -16.56 -1.69
C LEU B 7 -8.22 -17.62 -0.84
N THR B 8 -7.64 -18.84 -0.83
CA THR B 8 -8.10 -19.97 -0.02
C THR B 8 -7.78 -19.60 1.45
N GLN B 9 -8.40 -20.29 2.42
CA GLN B 9 -8.15 -20.08 3.85
C GLN B 9 -6.69 -20.33 4.16
N SER B 10 -6.07 -21.27 3.45
CA SER B 10 -4.66 -21.64 3.56
C SER B 10 -3.77 -20.43 3.22
N VAL B 11 -4.04 -19.76 2.08
CA VAL B 11 -3.30 -18.57 1.63
C VAL B 11 -3.54 -17.38 2.56
N LEU B 12 -4.79 -17.17 3.02
CA LEU B 12 -5.09 -16.05 3.92
C LEU B 12 -4.43 -16.28 5.29
N GLN B 13 -4.47 -17.54 5.78
CA GLN B 13 -3.80 -17.91 7.03
C GLN B 13 -2.28 -17.68 6.91
N TYR B 14 -1.68 -17.98 5.73
CA TYR B 14 -0.26 -17.82 5.44
C TYR B 14 0.14 -16.34 5.49
N ILE B 15 -0.66 -15.45 4.83
CA ILE B 15 -0.42 -14.01 4.83
C ILE B 15 -0.40 -13.55 6.29
N ARG B 16 -1.41 -13.96 7.08
CA ARG B 16 -1.53 -13.62 8.49
C ARG B 16 -0.31 -14.09 9.28
N ASP B 17 0.02 -15.38 9.19
CA ASP B 17 1.11 -15.97 9.95
C ASP B 17 2.49 -15.44 9.62
N SER B 18 2.75 -15.15 8.34
CA SER B 18 4.08 -14.74 7.90
C SER B 18 4.27 -13.21 7.82
N SER B 19 3.25 -12.40 8.17
CA SER B 19 3.40 -10.93 8.13
C SER B 19 2.87 -10.17 9.35
N VAL B 20 1.86 -10.71 10.03
CA VAL B 20 1.26 -9.99 11.17
C VAL B 20 2.11 -10.10 12.43
N ARG B 21 2.60 -8.94 12.90
CA ARG B 21 3.35 -8.78 14.15
C ARG B 21 2.28 -8.37 15.17
N ASP B 22 1.84 -9.33 15.95
CA ASP B 22 0.77 -9.11 16.91
C ASP B 22 1.28 -8.98 18.32
N ASN B 23 0.44 -8.41 19.19
CA ASN B 23 0.69 -8.27 20.61
C ASN B 23 -0.63 -8.52 21.34
N ASP B 24 -0.57 -8.82 22.66
CA ASP B 24 -1.73 -9.11 23.49
C ASP B 24 -2.74 -7.95 23.48
N ILE B 25 -2.26 -6.69 23.49
CA ILE B 25 -3.14 -5.50 23.48
C ILE B 25 -4.01 -5.47 22.22
N LEU B 26 -3.38 -5.56 21.03
CA LEU B 26 -4.10 -5.56 19.75
C LEU B 26 -5.05 -6.76 19.62
N ARG B 27 -4.57 -7.97 20.03
CA ARG B 27 -5.32 -9.22 19.98
C ARG B 27 -6.55 -9.13 20.85
N ASP B 28 -6.38 -8.65 22.11
CA ASP B 28 -7.47 -8.49 23.08
C ASP B 28 -8.57 -7.54 22.60
N LEU B 29 -8.17 -6.43 21.95
CA LEU B 29 -9.08 -5.43 21.39
C LEU B 29 -9.91 -6.03 20.26
N ARG B 30 -9.28 -6.81 19.35
CA ARG B 30 -9.95 -7.50 18.23
C ARG B 30 -10.97 -8.49 18.75
N GLU B 31 -10.59 -9.23 19.83
CA GLU B 31 -11.44 -10.23 20.47
C GLU B 31 -12.67 -9.59 21.10
N GLU B 32 -12.48 -8.44 21.77
CA GLU B 32 -13.55 -7.68 22.40
C GLU B 32 -14.49 -7.08 21.35
N THR B 33 -13.93 -6.54 20.28
CA THR B 33 -14.71 -5.94 19.20
C THR B 33 -15.56 -6.98 18.47
N SER B 34 -15.02 -8.21 18.27
CA SER B 34 -15.71 -9.29 17.56
C SER B 34 -17.03 -9.70 18.22
N LYS B 35 -17.18 -9.44 19.54
CA LYS B 35 -18.36 -9.78 20.33
C LYS B 35 -19.42 -8.67 20.33
N LEU B 36 -19.29 -7.66 19.46
CA LEU B 36 -20.16 -6.47 19.45
C LEU B 36 -20.87 -6.18 18.12
N PRO B 37 -22.01 -5.44 18.12
CA PRO B 37 -22.63 -5.03 16.83
C PRO B 37 -21.78 -3.96 16.11
N THR B 40 -19.59 -4.02 9.90
CA THR B 40 -18.64 -3.57 8.87
C THR B 40 -17.51 -2.68 9.42
N MET B 41 -17.16 -2.88 10.72
CA MET B 41 -16.15 -2.08 11.41
C MET B 41 -15.06 -2.96 12.08
N GLN B 42 -14.94 -4.20 11.65
CA GLN B 42 -13.92 -5.10 12.18
C GLN B 42 -12.65 -4.98 11.31
N ILE B 43 -11.67 -4.17 11.76
CA ILE B 43 -10.38 -3.94 11.08
C ILE B 43 -9.52 -5.25 11.21
N PRO B 44 -9.14 -5.90 10.08
CA PRO B 44 -8.26 -7.09 10.18
C PRO B 44 -6.83 -6.67 10.63
N PRO B 45 -6.04 -7.52 11.31
CA PRO B 45 -4.70 -7.06 11.74
C PRO B 45 -3.76 -6.62 10.58
N GLU B 46 -3.87 -7.25 9.38
CA GLU B 46 -3.07 -6.88 8.20
C GLU B 46 -3.34 -5.42 7.82
N GLN B 47 -4.63 -5.00 7.93
CA GLN B 47 -4.99 -3.61 7.62
C GLN B 47 -4.39 -2.62 8.63
N GLY B 48 -4.53 -2.92 9.93
CA GLY B 48 -3.99 -2.10 11.01
C GLY B 48 -2.49 -1.92 10.89
N GLN B 49 -1.79 -3.03 10.53
CA GLN B 49 -0.35 -3.01 10.33
C GLN B 49 0.01 -2.13 9.11
N LEU B 50 -0.76 -2.22 8.00
CA LEU B 50 -0.49 -1.37 6.83
C LEU B 50 -0.64 0.12 7.22
N LEU B 51 -1.68 0.44 8.00
CA LEU B 51 -1.95 1.78 8.53
C LEU B 51 -0.74 2.27 9.32
N SER B 52 -0.17 1.41 10.20
CA SER B 52 1.06 1.77 10.92
C SER B 52 2.21 2.09 9.94
N LEU B 53 2.38 1.24 8.91
CA LEU B 53 3.45 1.42 7.94
C LEU B 53 3.34 2.74 7.18
N LEU B 54 2.17 3.03 6.61
CA LEU B 54 1.91 4.24 5.83
C LEU B 54 2.14 5.52 6.63
N VAL B 55 1.76 5.50 7.93
CA VAL B 55 1.96 6.62 8.86
C VAL B 55 3.46 6.91 9.02
N ARG B 56 4.24 5.85 9.27
CA ARG B 56 5.69 5.97 9.41
C ARG B 56 6.33 6.33 8.07
N LEU B 57 5.81 5.78 6.97
CA LEU B 57 6.34 5.99 5.62
C LEU B 57 6.38 7.45 5.20
N ILE B 58 5.29 8.20 5.47
CA ILE B 58 5.19 9.59 5.05
C ILE B 58 5.69 10.58 6.11
N GLY B 59 6.23 10.06 7.22
CA GLY B 59 6.71 10.87 8.32
C GLY B 59 5.61 11.71 8.93
N ALA B 60 4.44 11.11 9.10
CA ALA B 60 3.28 11.79 9.67
C ALA B 60 3.46 12.06 11.16
N ARG B 61 3.04 13.27 11.62
CA ARG B 61 2.96 13.50 13.05
C ARG B 61 1.52 13.85 13.43
N LYS B 62 0.69 14.29 12.44
CA LYS B 62 -0.68 14.70 12.70
C LYS B 62 -1.66 14.02 11.75
N THR B 63 -2.61 13.27 12.34
CA THR B 63 -3.57 12.53 11.52
C THR B 63 -5.02 12.76 11.94
N LEU B 64 -5.92 12.51 11.00
CA LEU B 64 -7.36 12.62 11.16
C LEU B 64 -8.03 11.25 11.01
N GLU B 65 -9.03 10.99 11.85
CA GLU B 65 -9.79 9.75 11.77
C GLU B 65 -11.27 10.03 11.86
N VAL B 66 -12.05 9.43 10.93
CA VAL B 66 -13.49 9.58 10.92
C VAL B 66 -14.08 8.18 11.05
N GLY B 67 -14.69 7.87 12.20
CA GLY B 67 -15.27 6.56 12.55
C GLY B 67 -14.98 6.18 13.99
N VAL B 68 -13.77 5.62 14.24
CA VAL B 68 -13.12 5.32 15.56
C VAL B 68 -13.58 3.99 16.17
N PHE B 69 -14.88 3.90 16.55
CA PHE B 69 -15.53 2.70 17.13
C PHE B 69 -14.75 2.21 18.39
N THR B 70 -14.29 0.94 18.46
CA THR B 70 -13.50 0.53 19.66
C THR B 70 -12.00 0.99 19.59
N GLY B 71 -11.64 1.71 18.53
CA GLY B 71 -10.33 2.32 18.37
C GLY B 71 -9.14 1.48 17.95
N TYR B 72 -9.36 0.37 17.16
CA TYR B 72 -8.25 -0.45 16.66
C TYR B 72 -7.41 0.32 15.63
N SER B 73 -8.07 0.94 14.62
CA SER B 73 -7.36 1.69 13.58
C SER B 73 -6.57 2.88 14.21
N THR B 74 -7.18 3.55 15.21
CA THR B 74 -6.65 4.71 15.95
C THR B 74 -5.40 4.31 16.73
N LEU B 75 -5.44 3.15 17.40
CA LEU B 75 -4.34 2.59 18.19
C LEU B 75 -3.14 2.29 17.29
N CYS B 76 -3.37 1.63 16.12
CA CYS B 76 -2.29 1.29 15.15
C CYS B 76 -1.66 2.56 14.62
N THR B 77 -2.50 3.60 14.38
CA THR B 77 -2.05 4.90 13.88
C THR B 77 -1.15 5.59 14.90
N ALA B 78 -1.70 5.82 16.13
CA ALA B 78 -1.00 6.47 17.23
C ALA B 78 0.33 5.80 17.57
N LEU B 79 0.37 4.45 17.62
CA LEU B 79 1.59 3.66 17.90
C LEU B 79 2.72 3.96 16.89
N ALA B 80 2.36 4.19 15.60
CA ALA B 80 3.28 4.54 14.51
C ALA B 80 3.75 6.00 14.51
N LEU B 81 3.09 6.89 15.27
CA LEU B 81 3.39 8.31 15.32
C LEU B 81 4.56 8.60 16.26
N PRO B 82 5.30 9.73 16.04
CA PRO B 82 6.36 10.11 17.00
C PRO B 82 5.77 10.54 18.35
N ALA B 83 6.61 10.71 19.38
CA ALA B 83 6.21 11.09 20.75
C ALA B 83 5.34 12.35 20.84
N ASP B 84 5.56 13.33 19.94
CA ASP B 84 4.78 14.58 19.91
C ASP B 84 3.62 14.52 18.87
N GLY B 85 3.37 13.33 18.33
CA GLY B 85 2.31 13.11 17.36
C GLY B 85 0.90 13.25 17.91
N ARG B 86 -0.08 13.49 17.02
CA ARG B 86 -1.48 13.60 17.40
C ARG B 86 -2.46 13.02 16.37
N VAL B 87 -3.45 12.25 16.87
CA VAL B 87 -4.57 11.74 16.09
C VAL B 87 -5.79 12.52 16.55
N ILE B 88 -6.50 13.16 15.60
CA ILE B 88 -7.76 13.83 15.93
C ILE B 88 -8.82 12.86 15.43
N ALA B 89 -9.46 12.17 16.37
CA ALA B 89 -10.39 11.09 16.10
C ALA B 89 -11.84 11.53 16.30
N CYS B 90 -12.57 11.61 15.18
CA CYS B 90 -13.97 12.06 15.14
C CYS B 90 -14.81 10.84 15.36
N ASP B 91 -15.23 10.65 16.61
CA ASP B 91 -15.97 9.46 17.02
C ASP B 91 -17.44 9.69 16.96
N LEU B 92 -18.10 8.94 16.05
CA LEU B 92 -19.54 8.95 15.73
C LEU B 92 -20.47 8.91 16.97
N SER B 93 -20.12 8.07 17.97
CA SER B 93 -20.90 7.88 19.19
C SER B 93 -20.01 7.58 20.38
N GLU B 94 -20.54 7.79 21.59
CA GLU B 94 -19.86 7.53 22.86
C GLU B 94 -20.04 6.08 23.34
N GLU B 95 -20.80 5.26 22.59
CA GLU B 95 -21.08 3.89 23.03
C GLU B 95 -19.84 3.05 23.27
N TRP B 96 -18.81 3.14 22.38
CA TRP B 96 -17.59 2.34 22.42
C TRP B 96 -16.33 3.11 22.88
N VAL B 97 -16.54 4.34 23.40
CA VAL B 97 -15.52 5.26 23.92
C VAL B 97 -14.71 4.67 25.08
N SER B 98 -15.39 4.08 26.07
CA SER B 98 -14.77 3.53 27.27
C SER B 98 -13.91 2.31 26.98
N ILE B 99 -14.22 1.61 25.87
CA ILE B 99 -13.43 0.46 25.44
C ILE B 99 -12.18 1.02 24.78
N ALA B 100 -12.36 1.95 23.80
CA ALA B 100 -11.30 2.61 23.05
C ALA B 100 -10.25 3.19 23.98
N ARG B 101 -10.71 3.96 24.97
CA ARG B 101 -9.90 4.60 25.99
C ARG B 101 -9.02 3.60 26.79
N ARG B 102 -9.56 2.43 27.13
CA ARG B 102 -8.86 1.42 27.92
C ARG B 102 -7.62 0.89 27.22
N TYR B 103 -7.73 0.53 25.93
CA TYR B 103 -6.64 -0.01 25.13
C TYR B 103 -5.60 1.03 24.76
N TRP B 104 -6.04 2.25 24.41
CA TRP B 104 -5.15 3.40 24.12
C TRP B 104 -4.28 3.71 25.35
N GLN B 105 -4.88 3.66 26.58
CA GLN B 105 -4.16 3.88 27.83
C GLN B 105 -3.13 2.76 28.05
N ARG B 106 -3.60 1.49 27.97
CA ARG B 106 -2.82 0.26 28.13
C ARG B 106 -1.60 0.23 27.20
N ALA B 107 -1.77 0.68 25.94
CA ALA B 107 -0.70 0.72 24.94
C ALA B 107 0.14 2.00 25.01
N GLY B 108 -0.13 2.84 26.01
CA GLY B 108 0.59 4.08 26.27
C GLY B 108 0.46 5.14 25.18
N VAL B 109 -0.63 5.12 24.39
CA VAL B 109 -0.83 6.09 23.30
C VAL B 109 -1.99 7.10 23.56
N ALA B 110 -2.71 7.01 24.71
CA ALA B 110 -3.85 7.88 25.03
C ALA B 110 -3.52 9.39 24.96
N ASP B 111 -2.27 9.76 25.34
CA ASP B 111 -1.74 11.13 25.27
C ASP B 111 -1.62 11.64 23.80
N ARG B 112 -1.56 10.70 22.83
CA ARG B 112 -1.42 11.02 21.40
C ARG B 112 -2.77 11.07 20.67
N ILE B 113 -3.88 10.76 21.38
CA ILE B 113 -5.19 10.70 20.74
C ILE B 113 -6.16 11.72 21.34
N GLU B 114 -6.75 12.54 20.47
CA GLU B 114 -7.73 13.56 20.81
C GLU B 114 -9.08 13.14 20.19
N VAL B 115 -10.11 13.01 21.02
CA VAL B 115 -11.43 12.60 20.52
C VAL B 115 -12.37 13.79 20.38
N ARG B 116 -12.95 13.95 19.18
CA ARG B 116 -14.02 14.94 18.94
C ARG B 116 -15.27 14.04 19.00
N LEU B 117 -15.95 14.03 20.15
CA LEU B 117 -17.10 13.16 20.39
C LEU B 117 -18.38 13.79 19.92
N GLY B 118 -19.06 13.09 19.02
CA GLY B 118 -20.32 13.55 18.43
C GLY B 118 -20.35 13.40 16.93
N ASP B 119 -21.27 14.12 16.30
CA ASP B 119 -21.53 14.13 14.87
C ASP B 119 -20.27 14.50 14.07
N ALA B 120 -19.79 13.56 13.26
CA ALA B 120 -18.62 13.75 12.40
C ALA B 120 -18.81 14.90 11.40
N HIS B 121 -20.04 15.16 10.88
CA HIS B 121 -20.27 16.29 9.95
C HIS B 121 -19.94 17.63 10.64
N HIS B 122 -20.34 17.78 11.91
CA HIS B 122 -20.13 18.97 12.73
C HIS B 122 -18.65 19.17 13.12
N SER B 123 -17.97 18.10 13.59
CA SER B 123 -16.53 18.18 13.93
C SER B 123 -15.73 18.51 12.67
N LEU B 124 -16.05 17.88 11.52
CA LEU B 124 -15.33 18.14 10.27
C LEU B 124 -15.58 19.57 9.75
N GLU B 125 -16.81 20.10 9.96
CA GLU B 125 -17.15 21.49 9.58
C GLU B 125 -16.35 22.48 10.43
N ALA B 126 -16.24 22.22 11.74
CA ALA B 126 -15.46 23.05 12.65
C ALA B 126 -13.96 22.98 12.29
N LEU B 127 -13.45 21.76 12.04
CA LEU B 127 -12.04 21.56 11.67
C LEU B 127 -11.65 22.32 10.37
N VAL B 128 -12.51 22.29 9.32
CA VAL B 128 -12.16 23.00 8.06
C VAL B 128 -12.11 24.52 8.23
N GLY B 129 -12.85 25.05 9.22
CA GLY B 129 -12.86 26.48 9.53
C GLY B 129 -11.88 26.85 10.63
N SER B 130 -11.09 25.87 11.14
CA SER B 130 -10.12 26.04 12.23
C SER B 130 -8.64 26.16 11.79
N GLU B 131 -7.74 26.38 12.77
CA GLU B 131 -6.28 26.46 12.61
C GLU B 131 -5.75 25.12 12.09
N HIS B 132 -6.51 24.02 12.29
CA HIS B 132 -6.18 22.66 11.81
C HIS B 132 -6.30 22.48 10.29
N ARG B 133 -6.99 23.38 9.58
CA ARG B 133 -7.16 23.34 8.13
C ARG B 133 -5.80 23.22 7.41
N GLY B 134 -5.69 22.18 6.57
CA GLY B 134 -4.49 21.90 5.78
C GLY B 134 -3.26 21.54 6.58
N THR B 135 -3.43 20.98 7.81
CA THR B 135 -2.29 20.62 8.69
C THR B 135 -2.12 19.11 8.93
N PHE B 136 -3.06 18.29 8.44
CA PHE B 136 -3.01 16.84 8.64
C PHE B 136 -2.17 16.16 7.56
N ASP B 137 -1.37 15.18 7.95
CA ASP B 137 -0.54 14.42 7.02
C ASP B 137 -1.29 13.26 6.44
N LEU B 138 -2.23 12.72 7.24
CA LEU B 138 -3.00 11.54 6.87
C LEU B 138 -4.43 11.64 7.39
N ALA B 139 -5.40 11.15 6.59
CA ALA B 139 -6.81 11.09 6.95
C ALA B 139 -7.32 9.69 6.71
N PHE B 140 -7.97 9.08 7.71
CA PHE B 140 -8.58 7.76 7.56
C PHE B 140 -10.10 7.88 7.69
N ILE B 141 -10.84 7.65 6.58
CA ILE B 141 -12.30 7.72 6.47
C ILE B 141 -12.88 6.30 6.59
N ASP B 142 -13.61 6.07 7.69
CA ASP B 142 -14.14 4.76 8.06
C ASP B 142 -15.53 4.89 8.73
N ALA B 143 -16.29 5.94 8.40
CA ALA B 143 -17.61 6.12 8.99
C ALA B 143 -18.77 5.65 8.07
N ASP B 144 -20.00 6.17 8.26
CA ASP B 144 -21.17 5.75 7.46
C ASP B 144 -20.85 6.00 5.99
N LYS B 145 -21.20 5.04 5.14
CA LYS B 145 -20.81 5.06 3.74
C LYS B 145 -21.53 6.09 2.89
N GLU B 146 -22.77 6.48 3.30
CA GLU B 146 -23.54 7.50 2.58
C GLU B 146 -22.86 8.87 2.61
N SER B 147 -22.04 9.14 3.64
CA SER B 147 -21.37 10.43 3.80
C SER B 147 -19.92 10.46 3.28
N TYR B 148 -19.48 9.46 2.49
CA TYR B 148 -18.11 9.40 2.00
C TYR B 148 -17.68 10.60 1.18
N ASP B 149 -18.55 11.14 0.29
CA ASP B 149 -18.22 12.33 -0.51
C ASP B 149 -17.95 13.55 0.39
N PHE B 150 -18.84 13.79 1.39
CA PHE B 150 -18.70 14.86 2.37
C PHE B 150 -17.39 14.67 3.14
N TYR B 151 -17.11 13.45 3.59
CA TYR B 151 -15.88 13.16 4.34
C TYR B 151 -14.63 13.36 3.48
N TYR B 152 -14.68 12.95 2.21
CA TYR B 152 -13.61 13.09 1.24
C TYR B 152 -13.30 14.54 0.94
N GLU B 153 -14.34 15.37 0.64
CA GLU B 153 -14.16 16.78 0.35
C GLU B 153 -13.61 17.53 1.55
N HIS B 154 -14.05 17.19 2.75
CA HIS B 154 -13.54 17.82 3.98
C HIS B 154 -12.09 17.43 4.24
N ALA B 155 -11.76 16.11 4.05
CA ALA B 155 -10.40 15.58 4.20
C ALA B 155 -9.42 16.24 3.22
N LEU B 156 -9.85 16.57 1.98
CA LEU B 156 -9.03 17.27 0.99
C LEU B 156 -8.60 18.65 1.44
N ARG B 157 -9.40 19.33 2.28
CA ARG B 157 -9.05 20.66 2.81
C ARG B 157 -8.26 20.50 4.11
N LEU B 158 -8.48 19.41 4.84
CA LEU B 158 -7.83 19.18 6.12
C LEU B 158 -6.41 18.66 5.97
N VAL B 159 -6.16 17.85 4.92
CA VAL B 159 -4.83 17.32 4.71
C VAL B 159 -3.96 18.33 3.95
N ARG B 160 -2.66 18.32 4.27
CA ARG B 160 -1.67 19.18 3.63
C ARG B 160 -1.45 18.69 2.17
N PRO B 161 -0.95 19.54 1.25
CA PRO B 161 -0.56 19.02 -0.08
C PRO B 161 0.48 17.90 0.11
N GLY B 162 0.25 16.77 -0.57
CA GLY B 162 1.11 15.59 -0.41
C GLY B 162 0.62 14.63 0.65
N GLY B 163 -0.40 15.06 1.39
CA GLY B 163 -1.04 14.26 2.43
C GLY B 163 -1.81 13.07 1.89
N LEU B 164 -1.99 12.05 2.71
CA LEU B 164 -2.66 10.83 2.25
C LEU B 164 -4.07 10.63 2.83
N ILE B 165 -5.06 10.45 1.94
CA ILE B 165 -6.44 10.14 2.35
C ILE B 165 -6.69 8.63 2.09
N ILE B 166 -7.15 7.94 3.14
CA ILE B 166 -7.43 6.53 3.12
C ILE B 166 -8.92 6.30 3.34
N LEU B 167 -9.58 5.65 2.36
CA LEU B 167 -11.01 5.34 2.42
C LEU B 167 -11.23 3.83 2.56
N ASP B 168 -11.83 3.42 3.68
CA ASP B 168 -12.11 2.02 3.99
C ASP B 168 -13.40 1.53 3.31
N ASN B 169 -13.55 0.17 3.17
CA ASN B 169 -14.74 -0.51 2.64
C ASN B 169 -15.15 -0.11 1.22
N THR B 170 -14.20 0.31 0.36
CA THR B 170 -14.58 0.78 -1.00
C THR B 170 -15.05 -0.36 -1.95
N LEU B 171 -14.93 -1.63 -1.51
CA LEU B 171 -15.43 -2.75 -2.28
C LEU B 171 -16.78 -3.26 -1.76
N TRP B 172 -17.13 -2.88 -0.50
CA TRP B 172 -18.39 -3.19 0.19
C TRP B 172 -18.88 -4.62 -0.03
N SER B 173 -17.99 -5.62 0.30
CA SER B 173 -18.26 -7.07 0.19
C SER B 173 -18.49 -7.50 -1.27
N GLY B 174 -18.03 -6.68 -2.22
CA GLY B 174 -18.22 -6.94 -3.65
C GLY B 174 -19.52 -6.36 -4.18
N LYS B 175 -20.39 -5.79 -3.30
CA LYS B 175 -21.71 -5.23 -3.71
C LYS B 175 -21.64 -4.12 -4.77
N VAL B 176 -20.57 -3.28 -4.70
CA VAL B 176 -20.31 -2.20 -5.68
C VAL B 176 -20.24 -2.76 -7.13
N ALA B 177 -19.75 -4.03 -7.28
CA ALA B 177 -19.56 -4.76 -8.54
C ALA B 177 -20.76 -5.64 -8.90
N ASP B 178 -21.65 -5.86 -7.92
CA ASP B 178 -22.83 -6.71 -8.07
C ASP B 178 -24.00 -5.98 -8.76
N PRO B 179 -24.34 -6.35 -10.02
CA PRO B 179 -25.43 -5.66 -10.73
C PRO B 179 -26.84 -5.86 -10.13
N SER B 180 -27.03 -6.90 -9.31
CA SER B 180 -28.30 -7.21 -8.65
C SER B 180 -28.56 -6.27 -7.46
N VAL B 181 -27.50 -5.65 -6.91
CA VAL B 181 -27.60 -4.71 -5.78
C VAL B 181 -27.97 -3.34 -6.38
N VAL B 182 -29.28 -3.05 -6.40
CA VAL B 182 -29.86 -1.85 -7.01
C VAL B 182 -30.58 -1.00 -5.95
N GLY B 183 -30.39 0.31 -6.01
CA GLY B 183 -31.04 1.27 -5.11
C GLY B 183 -30.58 1.24 -3.66
N ASP B 184 -29.48 0.54 -3.35
CA ASP B 184 -28.99 0.51 -1.97
C ASP B 184 -28.19 1.79 -1.69
N PRO B 185 -28.57 2.60 -0.68
CA PRO B 185 -27.85 3.87 -0.46
C PRO B 185 -26.33 3.74 -0.20
N GLU B 186 -25.90 2.81 0.67
CA GLU B 186 -24.48 2.61 0.96
C GLU B 186 -23.69 2.18 -0.29
N THR B 187 -24.22 1.20 -1.05
CA THR B 187 -23.61 0.70 -2.28
C THR B 187 -23.50 1.80 -3.33
N ASP B 188 -24.62 2.53 -3.59
CA ASP B 188 -24.66 3.64 -4.55
C ASP B 188 -23.69 4.77 -4.22
N SER B 189 -23.56 5.14 -2.94
CA SER B 189 -22.65 6.19 -2.49
C SER B 189 -21.18 5.75 -2.72
N LEU B 190 -20.86 4.48 -2.40
CA LEU B 190 -19.52 3.93 -2.62
C LEU B 190 -19.20 3.81 -4.11
N ARG B 191 -20.21 3.45 -4.93
CA ARG B 191 -20.06 3.39 -6.39
C ARG B 191 -19.75 4.79 -6.93
N ARG B 192 -20.47 5.82 -6.44
CA ARG B 192 -20.31 7.21 -6.86
C ARG B 192 -18.94 7.77 -6.48
N ILE B 193 -18.47 7.53 -5.23
CA ILE B 193 -17.17 8.04 -4.80
C ILE B 193 -16.03 7.35 -5.57
N ASN B 194 -16.18 6.03 -5.85
CA ASN B 194 -15.19 5.24 -6.58
C ASN B 194 -15.03 5.76 -7.99
N ALA B 195 -16.16 6.00 -8.68
CA ALA B 195 -16.19 6.56 -10.02
C ALA B 195 -15.59 7.97 -10.05
N LYS B 196 -15.93 8.80 -9.03
CA LYS B 196 -15.47 10.19 -8.89
C LYS B 196 -13.94 10.21 -8.71
N LEU B 197 -13.40 9.34 -7.84
CA LEU B 197 -11.96 9.27 -7.59
C LEU B 197 -11.13 8.96 -8.84
N LEU B 198 -11.63 8.04 -9.72
CA LEU B 198 -10.93 7.65 -10.95
C LEU B 198 -10.52 8.87 -11.80
N THR B 199 -11.43 9.86 -11.94
CA THR B 199 -11.19 11.02 -12.79
C THR B 199 -10.84 12.29 -11.99
N ASP B 200 -10.62 12.14 -10.66
CA ASP B 200 -10.30 13.29 -9.80
C ASP B 200 -8.81 13.65 -9.89
N GLU B 201 -8.53 14.68 -10.70
CA GLU B 201 -7.18 15.19 -10.98
C GLU B 201 -6.47 15.84 -9.75
N ARG B 202 -7.20 16.04 -8.65
CA ARG B 202 -6.64 16.61 -7.43
C ARG B 202 -5.81 15.59 -6.64
N VAL B 203 -5.96 14.30 -6.97
CA VAL B 203 -5.29 13.20 -6.24
C VAL B 203 -4.64 12.18 -7.15
N ASP B 204 -3.67 11.41 -6.58
CA ASP B 204 -3.04 10.22 -7.17
C ASP B 204 -3.85 9.10 -6.55
N LEU B 205 -4.14 8.04 -7.31
CA LEU B 205 -5.06 7.02 -6.82
C LEU B 205 -4.54 5.58 -6.86
N SER B 206 -4.92 4.79 -5.84
CA SER B 206 -4.71 3.36 -5.82
C SER B 206 -5.83 2.73 -5.01
N MET B 207 -6.55 1.76 -5.59
CA MET B 207 -7.60 0.99 -4.93
C MET B 207 -6.99 -0.38 -4.67
N LEU B 208 -6.84 -0.73 -3.38
CA LEU B 208 -6.21 -1.98 -2.98
C LEU B 208 -7.21 -3.09 -2.66
N PRO B 209 -6.97 -4.32 -3.15
CA PRO B 209 -7.89 -5.42 -2.81
C PRO B 209 -7.51 -6.03 -1.45
N ILE B 210 -7.45 -5.21 -0.42
CA ILE B 210 -7.14 -5.64 0.96
C ILE B 210 -8.38 -5.40 1.80
N ALA B 211 -8.66 -6.34 2.70
CA ALA B 211 -9.79 -6.34 3.61
C ALA B 211 -11.11 -6.09 2.83
N ASP B 212 -11.84 -4.99 3.09
CA ASP B 212 -13.07 -4.71 2.35
C ASP B 212 -12.88 -3.68 1.21
N GLY B 213 -11.64 -3.56 0.74
CA GLY B 213 -11.28 -2.61 -0.30
C GLY B 213 -10.74 -1.38 0.41
N LEU B 214 -9.52 -0.96 0.05
CA LEU B 214 -8.91 0.18 0.71
C LEU B 214 -8.37 1.13 -0.34
N THR B 215 -8.97 2.33 -0.40
CA THR B 215 -8.56 3.31 -1.41
C THR B 215 -7.58 4.35 -0.83
N LEU B 216 -6.47 4.54 -1.55
CA LEU B 216 -5.43 5.52 -1.25
C LEU B 216 -5.54 6.66 -2.22
N ALA B 217 -5.66 7.88 -1.69
CA ALA B 217 -5.77 9.10 -2.49
C ALA B 217 -4.78 10.10 -1.94
N ARG B 218 -3.67 10.31 -2.68
CA ARG B 218 -2.63 11.26 -2.30
C ARG B 218 -2.99 12.62 -2.88
N LYS B 219 -3.19 13.64 -2.01
CA LYS B 219 -3.50 15.01 -2.42
C LYS B 219 -2.27 15.56 -3.17
N ARG B 220 -2.43 15.91 -4.43
CA ARG B 220 -1.37 16.47 -5.27
C ARG B 220 -0.95 17.89 -4.85
N LYS B 221 0.36 18.20 -5.03
CA LYS B 221 1.00 19.47 -4.71
C LYS B 221 0.92 20.36 -5.93
N SAH C . 9.94 -5.28 -13.18
CA SAH C . 9.54 -6.07 -14.37
CB SAH C . 9.53 -7.60 -14.21
CG SAH C . 10.91 -8.17 -13.91
SD SAH C . 10.82 -9.87 -14.54
C SAH C . 8.17 -5.52 -14.90
O SAH C . 7.74 -6.20 -15.93
OXT SAH C . 7.59 -4.57 -14.44
C5' SAH C . 12.34 -10.66 -13.98
C4' SAH C . 13.57 -9.96 -14.54
O4' SAH C . 14.69 -10.27 -13.70
C3' SAH C . 13.97 -10.33 -15.98
O3' SAH C . 14.04 -9.16 -16.80
C2' SAH C . 15.36 -10.97 -15.83
O2' SAH C . 16.24 -10.55 -16.86
C1' SAH C . 15.83 -10.35 -14.51
N9 SAH C . 16.85 -11.12 -13.79
C8 SAH C . 16.79 -12.42 -13.38
N7 SAH C . 17.86 -12.84 -12.75
C5 SAH C . 18.69 -11.72 -12.74
C6 SAH C . 20.01 -11.53 -12.28
N6 SAH C . 20.74 -12.47 -11.68
N1 SAH C . 20.56 -10.30 -12.48
C2 SAH C . 19.84 -9.36 -13.08
N3 SAH C . 18.59 -9.42 -13.56
C4 SAH C . 18.08 -10.66 -13.38
MG MG D . 7.29 -9.91 -10.37
CL CL E . 11.55 4.72 12.80
C7 LDP F . 6.31 -16.02 -13.33
C1 LDP F . 7.01 -14.79 -12.80
C4 LDP F . 8.33 -12.48 -11.91
C2 LDP F . 6.29 -13.64 -12.50
C6 LDP F . 8.39 -14.77 -12.64
C5 LDP F . 9.05 -13.62 -12.22
C3 LDP F . 6.92 -12.49 -12.06
O1 LDP F . 6.19 -11.40 -11.70
O2 LDP F . 8.94 -11.39 -11.40
C8 LDP F . 5.02 -16.43 -12.53
N1 LDP F . 3.94 -15.45 -12.73
MG MG G . -14.58 -0.01 7.97
#